data_6RU3
#
_entry.id   6RU3
#
_cell.length_a   65.120
_cell.length_b   65.120
_cell.length_c   169.260
_cell.angle_alpha   90.000
_cell.angle_beta   90.000
_cell.angle_gamma   120.000
#
_symmetry.space_group_name_H-M   'H 3 2'
#
loop_
_entity.id
_entity.type
_entity.pdbx_description
1 polymer hFP1Nb1
2 water water
#
_entity_poly.entity_id   1
_entity_poly.type   'polypeptide(L)'
_entity_poly.pdbx_seq_one_letter_code
;MQVQLVESGGGLVQAGGSLRLSCAASERTFTIYAMGWFRQAPGKEREFVAAISRSGENTDYADSVKGRFTISRDNNKNTI
SLQMNSLKPEDTAVYYCAAGRAILVHTTKKEYDHWGQGTQVTVSSHHHHHH
;
_entity_poly.pdbx_strand_id   C
#
# COMPACT_ATOMS: atom_id res chain seq x y z
N GLN A 2 -5.89 -14.54 12.26
CA GLN A 2 -4.71 -13.84 11.78
C GLN A 2 -4.72 -13.74 10.27
N VAL A 3 -4.15 -12.65 9.76
CA VAL A 3 -4.28 -12.27 8.36
C VAL A 3 -2.94 -12.47 7.66
N GLN A 4 -3.02 -12.88 6.40
CA GLN A 4 -1.85 -12.95 5.54
C GLN A 4 -2.01 -11.95 4.40
N LEU A 5 -0.87 -11.45 3.93
CA LEU A 5 -0.83 -10.33 2.99
C LEU A 5 0.22 -10.59 1.93
N VAL A 6 -0.17 -10.42 0.66
CA VAL A 6 0.71 -10.73 -0.45
C VAL A 6 0.72 -9.59 -1.47
N GLU A 7 1.83 -8.86 -1.52
CA GLU A 7 2.04 -7.83 -2.51
C GLU A 7 2.50 -8.42 -3.84
N SER A 8 2.12 -7.74 -4.91
CA SER A 8 2.59 -8.06 -6.24
C SER A 8 2.64 -6.79 -7.08
N GLY A 9 3.30 -6.88 -8.22
CA GLY A 9 3.29 -5.80 -9.19
C GLY A 9 4.52 -4.94 -9.24
N GLY A 10 5.50 -5.17 -8.38
CA GLY A 10 6.74 -4.42 -8.42
C GLY A 10 7.54 -4.81 -9.65
N GLY A 11 8.68 -4.13 -9.81
CA GLY A 11 9.55 -4.37 -10.93
C GLY A 11 10.46 -3.17 -11.13
N LEU A 12 11.13 -3.18 -12.27
CA LEU A 12 12.05 -2.15 -12.68
C LEU A 12 11.37 -1.26 -13.68
N VAL A 13 11.34 0.05 -13.42
CA VAL A 13 10.69 0.99 -14.33
C VAL A 13 11.59 2.21 -14.53
N GLN A 14 11.46 2.85 -15.69
CA GLN A 14 12.20 4.08 -15.95
C GLN A 14 11.53 5.24 -15.23
N ALA A 15 12.33 6.23 -14.84
CA ALA A 15 11.78 7.46 -14.31
C ALA A 15 10.75 8.05 -15.26
N GLY A 16 9.64 8.53 -14.70
CA GLY A 16 8.52 9.01 -15.49
C GLY A 16 7.48 7.95 -15.77
N GLY A 17 7.80 6.69 -15.55
CA GLY A 17 6.89 5.60 -15.78
C GLY A 17 5.90 5.46 -14.64
N SER A 18 5.04 4.46 -14.77
CA SER A 18 4.05 4.11 -13.77
C SER A 18 4.15 2.63 -13.46
N LEU A 19 3.66 2.26 -12.27
CA LEU A 19 3.50 0.88 -11.88
C LEU A 19 2.21 0.79 -11.06
N ARG A 20 1.58 -0.38 -11.06
CA ARG A 20 0.41 -0.60 -10.23
C ARG A 20 0.70 -1.79 -9.32
N LEU A 21 0.75 -1.54 -8.02
CA LEU A 21 0.92 -2.62 -7.05
C LEU A 21 -0.43 -3.13 -6.61
N SER A 22 -0.47 -4.39 -6.23
CA SER A 22 -1.65 -4.97 -5.64
C SER A 22 -1.27 -5.72 -4.37
N CYS A 23 -2.24 -5.87 -3.49
CA CYS A 23 -2.06 -6.64 -2.27
C CYS A 23 -3.29 -7.48 -2.06
N ALA A 24 -3.09 -8.78 -1.99
CA ALA A 24 -4.13 -9.76 -1.66
C ALA A 24 -4.11 -10.02 -0.17
N ALA A 25 -5.29 -10.04 0.47
CA ALA A 25 -5.38 -10.34 1.89
C ALA A 25 -6.37 -11.46 2.12
N SER A 26 -6.19 -12.14 3.24
CA SER A 26 -6.99 -13.32 3.56
C SER A 26 -8.48 -13.03 3.44
N GLU A 27 -9.16 -13.92 2.76
CA GLU A 27 -10.57 -13.73 2.38
C GLU A 27 -11.51 -13.57 3.58
N ARG A 28 -11.48 -14.46 4.54
CA ARG A 28 -12.58 -14.50 5.50
C ARG A 28 -12.57 -13.27 6.41
N THR A 29 -11.42 -12.64 6.60
CA THR A 29 -11.31 -11.49 7.48
C THR A 29 -11.14 -10.19 6.71
N PHE A 30 -11.33 -10.19 5.39
CA PHE A 30 -10.87 -9.06 4.58
C PHE A 30 -11.41 -7.73 5.10
N THR A 31 -12.72 -7.63 5.33
CA THR A 31 -13.28 -6.30 5.54
C THR A 31 -13.19 -5.85 6.99
N ILE A 32 -12.65 -6.68 7.89
CA ILE A 32 -12.41 -6.28 9.25
C ILE A 32 -11.20 -5.35 9.39
N TYR A 33 -10.31 -5.32 8.40
CA TYR A 33 -9.03 -4.63 8.50
C TYR A 33 -9.03 -3.37 7.65
N ALA A 34 -8.66 -2.24 8.27
CA ALA A 34 -8.15 -1.11 7.51
C ALA A 34 -6.78 -1.49 6.96
N MET A 35 -6.43 -0.95 5.79
CA MET A 35 -5.23 -1.40 5.09
C MET A 35 -4.45 -0.20 4.56
N GLY A 36 -3.18 -0.45 4.27
CA GLY A 36 -2.31 0.64 3.83
C GLY A 36 -1.07 0.12 3.13
N TRP A 37 -0.32 1.06 2.59
CA TRP A 37 0.97 0.81 1.97
C TRP A 37 2.05 1.62 2.68
N PHE A 38 3.21 0.99 2.87
CA PHE A 38 4.43 1.61 3.38
C PHE A 38 5.55 1.23 2.44
N ARG A 39 6.71 1.87 2.59
CA ARG A 39 7.85 1.51 1.77
C ARG A 39 9.09 1.72 2.60
N GLN A 40 10.14 0.99 2.25
CA GLN A 40 11.42 1.13 2.92
C GLN A 40 12.51 1.22 1.83
N ALA A 41 13.11 2.40 1.74
CA ALA A 41 14.15 2.68 0.76
C ALA A 41 15.50 2.31 1.34
N PRO A 42 16.52 2.20 0.48
CA PRO A 42 17.85 1.79 0.95
C PRO A 42 18.38 2.77 1.99
N GLY A 43 18.76 2.22 3.14
CA GLY A 43 19.36 3.03 4.18
C GLY A 43 18.40 3.85 5.01
N LYS A 44 17.09 3.70 4.84
CA LYS A 44 16.11 4.56 5.47
CA LYS A 44 16.11 4.56 5.47
C LYS A 44 15.12 3.75 6.29
N GLU A 45 14.53 4.40 7.28
CA GLU A 45 13.40 3.82 7.99
C GLU A 45 12.21 3.66 7.05
N ARG A 46 11.35 2.72 7.38
CA ARG A 46 10.11 2.57 6.67
C ARG A 46 9.29 3.84 6.79
N GLU A 47 8.54 4.11 5.73
CA GLU A 47 7.82 5.36 5.51
C GLU A 47 6.38 5.01 5.16
N PHE A 48 5.42 5.64 5.83
CA PHE A 48 4.02 5.56 5.44
C PHE A 48 3.84 6.15 4.04
N VAL A 49 3.06 5.44 3.20
CA VAL A 49 2.74 5.90 1.84
C VAL A 49 1.25 6.27 1.70
N ALA A 50 0.36 5.33 2.03
CA ALA A 50 -1.07 5.58 1.81
C ALA A 50 -1.90 4.65 2.67
N ALA A 51 -3.14 5.07 2.95
CA ALA A 51 -4.06 4.30 3.79
C ALA A 51 -5.46 4.33 3.20
N ILE A 52 -6.23 3.28 3.47
CA ILE A 52 -7.61 3.18 3.01
C ILE A 52 -8.45 2.50 4.08
N SER A 53 -9.70 2.92 4.18
CA SER A 53 -10.58 2.43 5.23
C SER A 53 -11.15 1.05 4.87
N ARG A 54 -11.80 0.43 5.85
CA ARG A 54 -12.47 -0.84 5.60
C ARG A 54 -13.50 -0.72 4.48
N SER A 55 -14.21 0.40 4.45
CA SER A 55 -15.25 0.60 3.46
C SER A 55 -14.69 0.90 2.09
N GLY A 56 -13.41 1.26 2.00
CA GLY A 56 -12.84 1.73 0.77
C GLY A 56 -13.12 3.17 0.44
N GLU A 57 -13.93 3.85 1.25
CA GLU A 57 -14.41 5.19 0.90
C GLU A 57 -13.50 6.31 1.36
N ASN A 58 -12.60 6.06 2.31
CA ASN A 58 -11.73 7.10 2.87
CA ASN A 58 -11.73 7.11 2.82
C ASN A 58 -10.27 6.71 2.68
N THR A 59 -9.44 7.69 2.32
CA THR A 59 -8.03 7.48 2.03
C THR A 59 -7.18 8.59 2.67
N ASP A 60 -5.89 8.30 2.79
CA ASP A 60 -4.91 9.22 3.33
C ASP A 60 -3.57 8.91 2.65
N TYR A 61 -2.77 9.95 2.45
CA TYR A 61 -1.52 9.83 1.70
C TYR A 61 -0.41 10.61 2.39
N ALA A 62 0.81 10.10 2.25
CA ALA A 62 1.99 10.89 2.55
C ALA A 62 2.12 12.06 1.57
N ASP A 63 2.57 13.21 2.08
CA ASP A 63 2.76 14.37 1.22
C ASP A 63 3.71 14.07 0.05
N SER A 64 4.69 13.18 0.26
CA SER A 64 5.68 12.85 -0.76
C SER A 64 5.08 12.19 -2.00
N VAL A 65 3.87 11.65 -1.90
CA VAL A 65 3.25 10.94 -3.02
C VAL A 65 1.90 11.50 -3.42
N LYS A 66 1.37 12.48 -2.70
CA LYS A 66 0.04 13.01 -2.99
C LYS A 66 0.02 13.56 -4.41
N GLY A 67 -1.02 13.19 -5.17
CA GLY A 67 -1.16 13.61 -6.53
C GLY A 67 -0.52 12.69 -7.55
N ARG A 68 0.45 11.87 -7.15
CA ARG A 68 1.07 10.89 -8.03
C ARG A 68 0.59 9.47 -7.77
N PHE A 69 0.30 9.11 -6.51
CA PHE A 69 -0.12 7.77 -6.14
C PHE A 69 -1.61 7.77 -5.74
N THR A 70 -2.29 6.68 -6.04
CA THR A 70 -3.69 6.50 -5.67
C THR A 70 -3.87 5.11 -5.05
N ILE A 71 -4.42 5.07 -3.84
CA ILE A 71 -4.76 3.81 -3.19
C ILE A 71 -6.23 3.53 -3.45
N SER A 72 -6.56 2.27 -3.71
CA SER A 72 -7.94 1.85 -3.94
C SER A 72 -8.12 0.49 -3.29
N ARG A 73 -9.39 0.10 -3.15
CA ARG A 73 -9.75 -1.13 -2.46
C ARG A 73 -10.87 -1.84 -3.20
N ASP A 74 -10.72 -3.13 -3.36
CA ASP A 74 -11.76 -3.95 -4.00
C ASP A 74 -12.33 -4.93 -2.97
N ASN A 75 -13.49 -4.59 -2.37
CA ASN A 75 -14.11 -5.44 -1.38
C ASN A 75 -14.87 -6.59 -2.02
N ASN A 76 -14.89 -6.66 -3.36
N ASN A 76 -14.83 -6.75 -3.32
CA ASN A 76 -15.34 -7.85 -4.09
CA ASN A 76 -15.34 -8.00 -3.88
C ASN A 76 -14.24 -8.94 -4.03
C ASN A 76 -14.22 -9.02 -4.07
N LYS A 77 -13.01 -8.55 -4.35
CA LYS A 77 -11.88 -9.44 -4.66
C LYS A 77 -10.86 -9.56 -3.53
N ASN A 78 -11.02 -8.83 -2.45
CA ASN A 78 -10.14 -8.93 -1.28
C ASN A 78 -8.73 -8.42 -1.59
N THR A 79 -8.68 -7.25 -2.24
CA THR A 79 -7.43 -6.64 -2.60
C THR A 79 -7.44 -5.14 -2.29
N ILE A 80 -6.24 -4.57 -2.18
CA ILE A 80 -6.00 -3.14 -2.34
C ILE A 80 -4.94 -2.95 -3.43
N SER A 81 -4.90 -1.73 -3.95
CA SER A 81 -4.01 -1.43 -5.05
C SER A 81 -3.35 -0.09 -4.79
N LEU A 82 -2.18 0.09 -5.40
CA LEU A 82 -1.47 1.37 -5.37
C LEU A 82 -1.03 1.71 -6.79
N GLN A 83 -1.71 2.70 -7.39
CA GLN A 83 -1.35 3.18 -8.71
C GLN A 83 -0.28 4.24 -8.51
N MET A 84 0.89 4.02 -9.09
CA MET A 84 2.04 4.90 -8.89
C MET A 84 2.41 5.54 -10.22
N ASN A 85 2.18 6.84 -10.33
CA ASN A 85 2.48 7.55 -11.56
C ASN A 85 3.65 8.50 -11.35
N SER A 86 4.20 8.95 -12.48
CA SER A 86 5.31 9.89 -12.49
C SER A 86 6.40 9.49 -11.49
N LEU A 87 6.88 8.26 -11.64
CA LEU A 87 7.83 7.71 -10.69
C LEU A 87 9.20 8.37 -10.80
N LYS A 88 9.87 8.50 -9.66
CA LYS A 88 11.18 9.14 -9.55
C LYS A 88 12.15 8.13 -8.94
N PRO A 89 13.46 8.29 -9.18
CA PRO A 89 14.44 7.38 -8.54
C PRO A 89 14.25 7.24 -7.03
N GLU A 90 13.85 8.31 -6.34
CA GLU A 90 13.68 8.28 -4.89
C GLU A 90 12.45 7.50 -4.45
N ASP A 91 11.63 7.03 -5.38
CA ASP A 91 10.56 6.09 -5.07
C ASP A 91 11.04 4.64 -5.01
N THR A 92 12.32 4.38 -5.27
CA THR A 92 12.88 3.03 -5.20
C THR A 92 12.81 2.56 -3.75
N ALA A 93 12.25 1.37 -3.55
CA ALA A 93 12.03 0.85 -2.19
C ALA A 93 11.39 -0.51 -2.28
N VAL A 94 11.41 -1.23 -1.16
CA VAL A 94 10.48 -2.34 -0.97
C VAL A 94 9.17 -1.77 -0.47
N TYR A 95 8.06 -2.11 -1.14
CA TYR A 95 6.73 -1.64 -0.80
C TYR A 95 6.00 -2.75 -0.06
N TYR A 96 5.40 -2.40 1.07
CA TYR A 96 4.75 -3.35 1.98
C TYR A 96 3.28 -2.99 2.10
N CYS A 97 2.42 -4.01 1.98
CA CYS A 97 1.03 -3.90 2.35
C CYS A 97 0.89 -4.16 3.84
N ALA A 98 -0.06 -3.46 4.46
CA ALA A 98 -0.26 -3.54 5.89
C ALA A 98 -1.75 -3.59 6.21
N ALA A 99 -2.08 -4.20 7.34
CA ALA A 99 -3.46 -4.35 7.78
C ALA A 99 -3.53 -4.15 9.29
N GLY A 100 -4.66 -3.61 9.74
CA GLY A 100 -4.87 -3.39 11.15
C GLY A 100 -6.33 -3.21 11.43
N ARG A 101 -6.80 -3.74 12.53
CA ARG A 101 -8.22 -3.67 12.84
C ARG A 101 -8.63 -2.23 13.11
N ALA A 102 -9.82 -1.88 12.64
CA ALA A 102 -10.42 -0.58 12.92
C ALA A 102 -11.87 -0.78 13.33
N ILE A 103 -12.30 -0.03 14.36
CA ILE A 103 -13.65 -0.20 14.88
C ILE A 103 -14.68 0.32 13.88
N LEU A 104 -14.39 1.44 13.25
CA LEU A 104 -15.32 2.08 12.34
C LEU A 104 -14.92 1.83 10.90
N VAL A 105 -15.91 1.78 10.02
CA VAL A 105 -15.63 1.35 8.64
C VAL A 105 -14.98 2.44 7.80
N HIS A 106 -15.03 3.70 8.22
CA HIS A 106 -14.48 4.79 7.42
C HIS A 106 -13.14 5.32 7.95
N THR A 107 -12.59 4.69 8.98
CA THR A 107 -11.36 5.15 9.59
C THR A 107 -10.15 4.71 8.77
N THR A 108 -9.15 5.59 8.68
CA THR A 108 -7.86 5.22 8.14
C THR A 108 -6.83 5.15 9.26
N LYS A 109 -5.84 4.27 9.09
CA LYS A 109 -4.84 4.05 10.13
C LYS A 109 -3.45 4.48 9.65
N LYS A 110 -2.63 4.84 10.64
CA LYS A 110 -1.20 5.03 10.47
C LYS A 110 -0.39 3.92 11.10
N GLU A 111 -0.91 3.28 12.15
CA GLU A 111 -0.25 2.17 12.81
C GLU A 111 -0.96 0.88 12.45
N TYR A 112 -0.17 -0.14 12.08
CA TYR A 112 -0.69 -1.42 11.64
C TYR A 112 0.12 -2.52 12.30
N ASP A 113 -0.53 -3.63 12.60
CA ASP A 113 0.12 -4.75 13.25
CA ASP A 113 0.14 -4.75 13.24
C ASP A 113 0.42 -5.92 12.32
N HIS A 114 -0.04 -5.88 11.06
CA HIS A 114 0.23 -6.97 10.12
C HIS A 114 0.81 -6.39 8.82
N TRP A 115 1.78 -7.11 8.24
CA TRP A 115 2.35 -6.64 6.98
CA TRP A 115 2.60 -6.64 7.13
C TRP A 115 2.90 -7.80 6.18
N GLY A 116 2.92 -7.56 4.87
CA GLY A 116 3.38 -8.55 3.92
C GLY A 116 4.90 -8.65 3.87
N GLN A 117 5.39 -9.57 3.02
CA GLN A 117 6.81 -9.74 2.77
C GLN A 117 7.39 -8.66 1.89
N GLY A 118 6.58 -7.97 1.11
CA GLY A 118 7.00 -6.85 0.29
C GLY A 118 7.01 -7.16 -1.21
N THR A 119 7.11 -6.08 -2.00
CA THR A 119 7.36 -6.12 -3.45
C THR A 119 8.41 -5.07 -3.77
N GLN A 120 9.44 -5.45 -4.54
CA GLN A 120 10.53 -4.53 -4.82
C GLN A 120 10.18 -3.63 -6.00
N VAL A 121 10.40 -2.33 -5.81
CA VAL A 121 10.22 -1.36 -6.88
C VAL A 121 11.53 -0.62 -7.07
N THR A 122 12.05 -0.63 -8.29
CA THR A 122 13.28 0.08 -8.62
C THR A 122 13.01 1.01 -9.78
N VAL A 123 13.28 2.30 -9.59
CA VAL A 123 13.05 3.32 -10.60
C VAL A 123 14.42 3.81 -11.05
N SER A 124 14.73 3.62 -12.32
CA SER A 124 16.01 4.00 -12.89
C SER A 124 15.86 5.25 -13.75
N SER A 125 16.98 5.93 -13.96
CA SER A 125 17.03 7.06 -14.89
C SER A 125 17.82 6.68 -16.13
#